data_1FO9
#
_entry.id   1FO9
#
_cell.length_a   40.478
_cell.length_b   82.423
_cell.length_c   102.480
_cell.angle_alpha   90.00
_cell.angle_beta   90.00
_cell.angle_gamma   90.00
#
_symmetry.space_group_name_H-M   'P 21 21 21'
#
loop_
_entity.id
_entity.type
_entity.pdbx_description
1 polymer 'ALPHA-1,3-MANNOSYL-GLYCOPROTEIN BETA-1,2-N-ACETYLGLUCOSAMINYLTRANSFERASE'
2 water water
#
_entity_poly.entity_id   1
_entity_poly.type   'polypeptide(L)'
_entity_poly.pdbx_seq_one_letter_code
;SRLQELAVIPILVIACDRSTVRRCLDKLLHYRPSAELFPIIVSQDCGHEETAQVIASYGSAVTHIRQPDLSNIAVQPDHR
KFQGYYKIARHYRWALGQIFHNFNYPAAVVVEDDLEVAPDFFEYFQATYPLLKADPSLWCVSAWNDNGKEQMVDSSKPEL
LYRTDFFPGLGWLLLAELWAELEPKWPKAFWDDWMRRPEQRKGRACVRPEISRTMTFGRKGVSHGQFFDQHLKFIKLNQQ
FVPFTQLDLSYLQQEAYDRDFLARVYGAPQLQVEKVRTNDRKELGEVRVQYTGRDSFKAFAKALGVMDDLKSGVPRAGYR
GIVTFLFRGRRVHLAPPQTWDGYDPSWT
;
_entity_poly.pdbx_strand_id   A
#
# COMPACT_ATOMS: atom_id res chain seq x y z
N GLU A 5 10.80 21.68 -3.73
CA GLU A 5 10.06 22.07 -4.98
C GLU A 5 8.86 21.15 -5.12
N LEU A 6 7.72 21.70 -5.55
CA LEU A 6 6.51 20.91 -5.73
C LEU A 6 6.54 20.25 -7.10
N ALA A 7 6.05 19.02 -7.19
CA ALA A 7 6.05 18.28 -8.45
C ALA A 7 4.65 17.86 -8.90
N VAL A 8 4.46 17.76 -10.21
CA VAL A 8 3.17 17.31 -10.74
C VAL A 8 3.11 15.78 -10.61
N ILE A 9 2.04 15.27 -9.98
CA ILE A 9 1.86 13.83 -9.81
C ILE A 9 0.39 13.50 -10.12
N PRO A 10 0.15 12.78 -11.23
CA PRO A 10 -1.24 12.45 -11.55
C PRO A 10 -1.82 11.37 -10.65
N ILE A 11 -3.13 11.41 -10.52
CA ILE A 11 -3.84 10.39 -9.76
C ILE A 11 -4.58 9.59 -10.85
N LEU A 12 -4.35 8.28 -10.89
CA LEU A 12 -4.97 7.41 -11.87
C LEU A 12 -6.02 6.61 -11.13
N VAL A 13 -7.29 6.92 -11.37
CA VAL A 13 -8.40 6.22 -10.73
C VAL A 13 -8.86 5.07 -11.63
N ILE A 14 -8.95 3.86 -11.05
CA ILE A 14 -9.34 2.65 -11.77
C ILE A 14 -10.80 2.37 -11.51
N ALA A 15 -11.64 2.54 -12.53
CA ALA A 15 -13.09 2.36 -12.41
C ALA A 15 -13.65 1.35 -13.40
N CYS A 16 -14.87 0.90 -13.15
CA CYS A 16 -15.51 -0.06 -14.04
C CYS A 16 -17.03 0.03 -13.99
N ASP A 17 -17.66 -0.70 -13.08
CA ASP A 17 -19.12 -0.68 -13.05
C ASP A 17 -19.79 -0.36 -11.72
N ARG A 18 -19.19 0.53 -10.93
CA ARG A 18 -19.77 0.91 -9.66
C ARG A 18 -19.97 2.42 -9.68
N SER A 19 -21.23 2.83 -9.57
CA SER A 19 -21.57 4.26 -9.60
C SER A 19 -20.96 5.01 -8.43
N THR A 20 -20.57 4.26 -7.39
CA THR A 20 -19.95 4.87 -6.21
C THR A 20 -18.50 5.38 -6.45
N VAL A 21 -18.05 5.38 -7.71
CA VAL A 21 -16.75 5.98 -8.05
C VAL A 21 -16.99 7.48 -7.70
N ARG A 22 -18.26 7.87 -7.62
CA ARG A 22 -18.62 9.23 -7.24
C ARG A 22 -18.04 9.60 -5.88
N ARG A 23 -18.15 8.70 -4.89
CA ARG A 23 -17.63 8.99 -3.55
C ARG A 23 -16.10 9.11 -3.58
N CYS A 24 -15.46 8.27 -4.39
CA CYS A 24 -14.01 8.29 -4.52
C CYS A 24 -13.56 9.63 -5.12
N LEU A 25 -14.18 10.02 -6.22
CA LEU A 25 -13.83 11.28 -6.89
C LEU A 25 -14.18 12.49 -6.04
N ASP A 26 -15.32 12.45 -5.34
CA ASP A 26 -15.70 13.60 -4.53
C ASP A 26 -14.65 13.88 -3.45
N LYS A 27 -14.14 12.82 -2.80
CA LYS A 27 -13.12 13.05 -1.77
C LYS A 27 -11.79 13.51 -2.37
N LEU A 28 -11.38 12.91 -3.48
CA LEU A 28 -10.13 13.33 -4.13
C LEU A 28 -10.22 14.80 -4.52
N LEU A 29 -11.34 15.19 -5.14
CA LEU A 29 -11.50 16.56 -5.60
C LEU A 29 -11.61 17.56 -4.46
N HIS A 30 -12.23 17.14 -3.35
CA HIS A 30 -12.38 18.02 -2.21
C HIS A 30 -11.04 18.33 -1.54
N TYR A 31 -10.19 17.33 -1.43
CA TYR A 31 -8.90 17.51 -0.78
C TYR A 31 -7.74 17.91 -1.67
N ARG A 32 -7.92 17.79 -2.98
CA ARG A 32 -6.85 18.14 -3.91
C ARG A 32 -6.41 19.58 -3.71
N PRO A 33 -5.11 19.81 -3.54
CA PRO A 33 -4.69 21.20 -3.33
C PRO A 33 -4.53 22.03 -4.59
N SER A 34 -4.35 21.34 -5.71
CA SER A 34 -4.11 21.99 -6.99
C SER A 34 -4.48 21.05 -8.13
N ALA A 35 -5.26 21.52 -9.11
CA ALA A 35 -5.60 20.71 -10.27
C ALA A 35 -4.33 20.55 -11.12
N GLU A 36 -3.49 21.58 -11.12
CA GLU A 36 -2.26 21.54 -11.88
C GLU A 36 -1.26 20.53 -11.32
N LEU A 37 -1.11 20.49 -10.00
CA LEU A 37 -0.16 19.58 -9.41
C LEU A 37 -0.63 18.13 -9.36
N PHE A 38 -1.95 17.94 -9.27
CA PHE A 38 -2.53 16.61 -9.20
C PHE A 38 -3.66 16.35 -10.19
N PRO A 39 -3.32 16.27 -11.49
CA PRO A 39 -4.37 16.01 -12.48
C PRO A 39 -4.95 14.63 -12.21
N ILE A 40 -6.27 14.50 -12.37
CA ILE A 40 -6.93 13.23 -12.12
C ILE A 40 -7.38 12.62 -13.43
N ILE A 41 -6.94 11.38 -13.67
CA ILE A 41 -7.30 10.64 -14.88
C ILE A 41 -8.11 9.45 -14.42
N VAL A 42 -9.35 9.34 -14.89
CA VAL A 42 -10.21 8.23 -14.52
C VAL A 42 -10.27 7.26 -15.70
N SER A 43 -9.68 6.08 -15.52
CA SER A 43 -9.69 5.06 -16.56
C SER A 43 -10.85 4.14 -16.23
N GLN A 44 -11.80 4.07 -17.16
CA GLN A 44 -12.97 3.24 -16.95
C GLN A 44 -12.99 2.06 -17.88
N ASP A 45 -13.11 0.86 -17.31
CA ASP A 45 -13.21 -0.37 -18.08
C ASP A 45 -14.68 -0.79 -18.02
N CYS A 46 -15.01 -1.86 -18.74
CA CYS A 46 -16.34 -2.45 -18.69
C CYS A 46 -17.52 -1.82 -19.44
N GLY A 47 -17.42 -0.56 -19.82
CA GLY A 47 -18.51 0.06 -20.55
C GLY A 47 -19.84 0.18 -19.82
N HIS A 48 -19.82 0.31 -18.51
CA HIS A 48 -21.04 0.47 -17.71
C HIS A 48 -21.52 1.90 -17.97
N GLU A 49 -22.65 2.06 -18.67
CA GLU A 49 -23.16 3.36 -19.04
C GLU A 49 -23.45 4.33 -17.91
N GLU A 50 -24.07 3.86 -16.85
CA GLU A 50 -24.40 4.72 -15.71
C GLU A 50 -23.11 5.28 -15.11
N THR A 51 -22.10 4.44 -14.97
CA THR A 51 -20.82 4.88 -14.41
C THR A 51 -20.16 5.88 -15.35
N ALA A 52 -20.25 5.64 -16.66
CA ALA A 52 -19.67 6.57 -17.63
C ALA A 52 -20.33 7.94 -17.52
N GLN A 53 -21.66 7.96 -17.33
CA GLN A 53 -22.38 9.23 -17.19
C GLN A 53 -21.96 9.97 -15.93
N VAL A 54 -21.77 9.23 -14.85
CA VAL A 54 -21.34 9.84 -13.59
C VAL A 54 -19.98 10.49 -13.80
N ILE A 55 -19.02 9.76 -14.35
CA ILE A 55 -17.69 10.32 -14.54
C ILE A 55 -17.72 11.54 -15.47
N ALA A 56 -18.47 11.44 -16.57
CA ALA A 56 -18.55 12.55 -17.51
C ALA A 56 -19.13 13.83 -16.90
N SER A 57 -20.01 13.66 -15.90
CA SER A 57 -20.65 14.81 -15.28
C SER A 57 -19.68 15.70 -14.51
N TYR A 58 -18.48 15.20 -14.23
CA TYR A 58 -17.49 16.03 -13.54
C TYR A 58 -16.81 16.98 -14.50
N GLY A 59 -17.05 16.78 -15.79
CA GLY A 59 -16.47 17.65 -16.78
C GLY A 59 -14.95 17.69 -16.73
N SER A 60 -14.40 18.88 -16.90
CA SER A 60 -12.95 19.06 -16.95
C SER A 60 -12.22 18.89 -15.62
N ALA A 61 -12.95 18.63 -14.54
CA ALA A 61 -12.29 18.41 -13.26
C ALA A 61 -11.45 17.14 -13.34
N VAL A 62 -11.79 16.25 -14.26
CA VAL A 62 -11.00 15.02 -14.44
C VAL A 62 -10.92 14.72 -15.93
N THR A 63 -10.04 13.79 -16.32
CA THR A 63 -9.94 13.36 -17.71
C THR A 63 -10.44 11.92 -17.70
N HIS A 64 -11.47 11.66 -18.50
CA HIS A 64 -12.10 10.35 -18.57
C HIS A 64 -11.60 9.56 -19.77
N ILE A 65 -10.95 8.43 -19.53
CA ILE A 65 -10.49 7.61 -20.64
C ILE A 65 -11.16 6.26 -20.51
N ARG A 66 -11.30 5.55 -21.63
CA ARG A 66 -12.02 4.29 -21.65
C ARG A 66 -11.20 3.12 -22.22
N GLN A 67 -11.04 2.06 -21.44
CA GLN A 67 -10.31 0.88 -21.88
C GLN A 67 -11.08 0.40 -23.12
N PRO A 68 -10.39 0.31 -24.27
CA PRO A 68 -10.98 -0.08 -25.55
C PRO A 68 -11.42 -1.48 -25.88
N ASP A 69 -10.79 -2.46 -25.27
CA ASP A 69 -11.08 -3.86 -25.59
C ASP A 69 -11.99 -4.51 -24.55
N LEU A 70 -13.28 -4.59 -24.85
CA LEU A 70 -14.23 -5.17 -23.90
C LEU A 70 -14.50 -6.65 -24.10
N SER A 71 -13.70 -7.29 -24.94
CA SER A 71 -13.90 -8.72 -25.23
C SER A 71 -13.53 -9.65 -24.06
N ASN A 72 -14.04 -10.87 -24.10
CA ASN A 72 -13.72 -11.84 -23.08
C ASN A 72 -12.31 -12.35 -23.37
N ILE A 73 -11.60 -12.72 -22.31
CA ILE A 73 -10.22 -13.17 -22.40
C ILE A 73 -10.15 -14.68 -22.24
N ALA A 74 -9.32 -15.31 -23.07
CA ALA A 74 -9.12 -16.77 -23.00
C ALA A 74 -8.28 -17.03 -21.76
N VAL A 75 -8.80 -17.82 -20.83
CA VAL A 75 -8.07 -18.11 -19.59
C VAL A 75 -7.42 -19.48 -19.63
N GLN A 76 -6.47 -19.72 -18.75
CA GLN A 76 -5.79 -21.01 -18.71
C GLN A 76 -6.70 -22.04 -18.04
N PRO A 77 -6.41 -23.34 -18.20
CA PRO A 77 -7.25 -24.39 -17.62
C PRO A 77 -7.56 -24.37 -16.13
N ASP A 78 -6.69 -23.73 -15.34
CA ASP A 78 -6.91 -23.68 -13.91
C ASP A 78 -7.73 -22.45 -13.48
N HIS A 79 -8.12 -21.64 -14.45
CA HIS A 79 -8.75 -20.36 -14.14
C HIS A 79 -10.17 -20.07 -14.66
N ARG A 80 -10.97 -21.09 -14.91
CA ARG A 80 -12.31 -20.83 -15.42
C ARG A 80 -13.12 -19.88 -14.54
N LYS A 81 -12.93 -19.96 -13.22
CA LYS A 81 -13.68 -19.09 -12.28
C LYS A 81 -13.09 -17.68 -12.18
N PHE A 82 -11.98 -17.43 -12.86
CA PHE A 82 -11.31 -16.14 -12.67
C PHE A 82 -11.20 -15.14 -13.81
N GLN A 83 -12.16 -15.15 -14.74
CA GLN A 83 -12.18 -14.21 -15.86
C GLN A 83 -12.02 -12.76 -15.38
N GLY A 84 -12.69 -12.42 -14.28
CA GLY A 84 -12.63 -11.05 -13.76
C GLY A 84 -11.21 -10.60 -13.44
N TYR A 85 -10.38 -11.51 -12.94
CA TYR A 85 -9.00 -11.15 -12.61
C TYR A 85 -8.16 -10.95 -13.86
N TYR A 86 -8.46 -11.66 -14.95
CA TYR A 86 -7.74 -11.44 -16.19
C TYR A 86 -8.14 -10.06 -16.72
N LYS A 87 -9.42 -9.69 -16.59
CA LYS A 87 -9.85 -8.39 -17.06
C LYS A 87 -9.19 -7.26 -16.26
N ILE A 88 -9.09 -7.44 -14.94
CA ILE A 88 -8.45 -6.42 -14.11
C ILE A 88 -6.99 -6.23 -14.55
N ALA A 89 -6.27 -7.34 -14.77
CA ALA A 89 -4.88 -7.23 -15.19
C ALA A 89 -4.77 -6.51 -16.54
N ARG A 90 -5.68 -6.82 -17.46
CA ARG A 90 -5.66 -6.13 -18.76
C ARG A 90 -5.92 -4.63 -18.58
N HIS A 91 -6.86 -4.27 -17.70
CA HIS A 91 -7.17 -2.87 -17.48
C HIS A 91 -5.95 -2.12 -16.90
N TYR A 92 -5.32 -2.68 -15.88
CA TYR A 92 -4.13 -2.05 -15.31
C TYR A 92 -3.05 -1.84 -16.37
N ARG A 93 -2.81 -2.85 -17.21
CA ARG A 93 -1.79 -2.76 -18.25
C ARG A 93 -2.12 -1.59 -19.18
N TRP A 94 -3.38 -1.51 -19.59
CA TRP A 94 -3.77 -0.44 -20.49
C TRP A 94 -3.73 0.94 -19.85
N ALA A 95 -4.30 1.06 -18.66
CA ALA A 95 -4.33 2.36 -17.98
C ALA A 95 -2.94 2.88 -17.62
N LEU A 96 -2.06 2.02 -17.12
CA LEU A 96 -0.72 2.48 -16.76
C LEU A 96 0.02 2.84 -18.05
N GLY A 97 -0.25 2.10 -19.14
CA GLY A 97 0.37 2.42 -20.42
C GLY A 97 -0.08 3.81 -20.84
N GLN A 98 -1.33 4.14 -20.61
CA GLN A 98 -1.82 5.48 -20.98
C GLN A 98 -1.15 6.61 -20.18
N ILE A 99 -1.06 6.42 -18.87
N ILE A 99 -1.06 6.41 -18.89
CA ILE A 99 -0.48 7.44 -18.02
CA ILE A 99 -0.46 7.38 -18.00
C ILE A 99 1.02 7.66 -18.27
C ILE A 99 0.99 7.67 -18.35
N PHE A 100 1.74 6.60 -18.61
CA PHE A 100 3.17 6.73 -18.87
C PHE A 100 3.64 6.90 -20.31
N HIS A 101 2.86 6.40 -21.26
CA HIS A 101 3.23 6.57 -22.66
C HIS A 101 2.45 7.70 -23.32
N ASN A 102 1.13 7.63 -23.30
N ASN A 102 1.13 7.60 -23.30
CA ASN A 102 0.34 8.66 -23.96
CA ASN A 102 0.26 8.60 -23.92
C ASN A 102 0.37 10.00 -23.25
C ASN A 102 0.39 9.95 -23.25
N PHE A 103 0.15 10.00 -21.94
CA PHE A 103 0.19 11.26 -21.20
C PHE A 103 1.64 11.64 -20.82
N ASN A 104 2.53 10.65 -20.85
CA ASN A 104 3.95 10.86 -20.54
C ASN A 104 4.25 11.46 -19.15
N TYR A 105 3.52 11.02 -18.13
CA TYR A 105 3.80 11.50 -16.77
C TYR A 105 4.98 10.72 -16.23
N PRO A 106 5.73 11.29 -15.25
CA PRO A 106 6.90 10.66 -14.66
C PRO A 106 6.64 9.70 -13.50
N ALA A 107 5.41 9.73 -13.01
CA ALA A 107 5.00 8.89 -11.89
C ALA A 107 3.50 8.98 -11.81
N ALA A 108 2.89 8.15 -10.96
CA ALA A 108 1.44 8.22 -10.80
C ALA A 108 1.03 7.55 -9.51
N VAL A 109 -0.05 8.03 -8.90
CA VAL A 109 -0.64 7.40 -7.72
C VAL A 109 -1.88 6.67 -8.25
N VAL A 110 -1.88 5.35 -8.10
CA VAL A 110 -2.97 4.46 -8.55
C VAL A 110 -4.00 4.30 -7.42
N VAL A 111 -5.24 4.63 -7.73
CA VAL A 111 -6.34 4.60 -6.76
C VAL A 111 -7.55 3.82 -7.28
N GLU A 112 -7.87 2.70 -6.63
CA GLU A 112 -9.05 1.91 -7.00
C GLU A 112 -10.30 2.76 -6.65
N ASP A 113 -11.36 2.59 -7.43
CA ASP A 113 -12.61 3.35 -7.26
C ASP A 113 -13.38 3.16 -5.97
N ASP A 114 -12.99 2.21 -5.12
CA ASP A 114 -13.67 2.01 -3.85
C ASP A 114 -12.81 2.48 -2.67
N LEU A 115 -11.88 3.40 -2.94
CA LEU A 115 -11.04 3.98 -1.87
C LEU A 115 -11.41 5.44 -1.58
N GLU A 116 -11.56 5.75 -0.30
CA GLU A 116 -11.81 7.13 0.13
C GLU A 116 -10.48 7.62 0.70
N VAL A 117 -10.03 8.80 0.25
CA VAL A 117 -8.75 9.32 0.73
C VAL A 117 -8.83 10.21 1.97
N ALA A 118 -7.73 10.22 2.72
CA ALA A 118 -7.59 11.04 3.93
C ALA A 118 -7.30 12.51 3.56
N PRO A 119 -7.49 13.45 4.49
CA PRO A 119 -7.24 14.86 4.20
C PRO A 119 -5.82 15.16 3.79
N ASP A 120 -4.85 14.36 4.27
CA ASP A 120 -3.46 14.60 3.92
C ASP A 120 -2.90 13.62 2.89
N PHE A 121 -3.79 13.00 2.14
CA PHE A 121 -3.39 12.05 1.08
C PHE A 121 -2.42 12.71 0.06
N PHE A 122 -2.78 13.90 -0.42
CA PHE A 122 -1.94 14.59 -1.41
C PHE A 122 -0.64 15.08 -0.81
N GLU A 123 -0.72 15.62 0.40
CA GLU A 123 0.47 16.09 1.10
C GLU A 123 1.46 14.94 1.31
N TYR A 124 0.93 13.78 1.68
CA TYR A 124 1.74 12.58 1.92
C TYR A 124 2.52 12.18 0.66
N PHE A 125 1.83 12.10 -0.49
CA PHE A 125 2.55 11.73 -1.71
C PHE A 125 3.50 12.81 -2.20
N GLN A 126 3.17 14.07 -2.00
CA GLN A 126 4.06 15.14 -2.42
C GLN A 126 5.37 15.02 -1.62
N ALA A 127 5.26 14.73 -0.34
CA ALA A 127 6.43 14.63 0.53
C ALA A 127 7.29 13.40 0.32
N THR A 128 6.67 12.29 -0.04
CA THR A 128 7.39 11.05 -0.22
C THR A 128 7.90 10.77 -1.63
N TYR A 129 7.36 11.46 -2.61
CA TYR A 129 7.82 11.29 -3.99
C TYR A 129 9.35 11.51 -4.09
N PRO A 130 9.91 12.57 -3.46
CA PRO A 130 11.37 12.72 -3.59
C PRO A 130 12.17 11.54 -3.01
N LEU A 131 11.68 10.92 -1.94
CA LEU A 131 12.33 9.74 -1.36
C LEU A 131 12.34 8.60 -2.39
N LEU A 132 11.20 8.38 -3.03
CA LEU A 132 11.08 7.33 -4.01
C LEU A 132 12.02 7.60 -5.18
N LYS A 133 12.10 8.85 -5.62
CA LYS A 133 13.01 9.16 -6.71
C LYS A 133 14.47 8.94 -6.34
N ALA A 134 14.84 9.23 -5.10
CA ALA A 134 16.24 9.13 -4.71
C ALA A 134 16.77 7.79 -4.22
N ASP A 135 15.87 6.97 -3.68
CA ASP A 135 16.28 5.69 -3.08
C ASP A 135 15.91 4.50 -3.95
N PRO A 136 16.89 3.91 -4.65
CA PRO A 136 16.61 2.77 -5.52
C PRO A 136 16.17 1.50 -4.81
N SER A 137 16.30 1.47 -3.49
CA SER A 137 15.86 0.34 -2.69
C SER A 137 14.36 0.41 -2.42
N LEU A 138 13.74 1.55 -2.77
CA LEU A 138 12.28 1.69 -2.66
C LEU A 138 11.69 1.52 -4.06
N TRP A 139 10.53 0.87 -4.16
CA TRP A 139 9.85 0.80 -5.43
C TRP A 139 8.43 1.36 -5.39
N CYS A 140 7.96 1.76 -4.21
CA CYS A 140 6.64 2.41 -4.13
C CYS A 140 6.43 3.13 -2.83
N VAL A 141 5.40 3.98 -2.81
CA VAL A 141 4.93 4.59 -1.56
C VAL A 141 3.44 4.18 -1.54
N SER A 142 2.98 3.62 -0.42
CA SER A 142 1.58 3.20 -0.31
C SER A 142 0.89 3.96 0.83
N ALA A 143 -0.39 4.23 0.66
CA ALA A 143 -1.19 4.91 1.70
C ALA A 143 -1.69 3.90 2.73
N TRP A 144 -1.48 2.61 2.50
CA TRP A 144 -2.09 1.56 3.34
C TRP A 144 -1.27 0.88 4.42
N ASN A 145 -1.84 0.78 5.62
CA ASN A 145 -1.23 0.01 6.70
C ASN A 145 -2.08 -1.27 6.81
N ASP A 146 -1.51 -2.41 6.40
CA ASP A 146 -2.24 -3.68 6.46
C ASP A 146 -2.78 -4.05 7.85
N ASN A 147 -2.13 -3.58 8.92
CA ASN A 147 -2.64 -3.81 10.27
C ASN A 147 -3.08 -2.48 10.83
N GLY A 148 -3.87 -1.73 10.06
CA GLY A 148 -4.26 -0.40 10.48
C GLY A 148 -5.60 -0.23 11.15
N LYS A 149 -6.11 -1.25 11.84
CA LYS A 149 -7.38 -1.05 12.55
C LYS A 149 -7.12 -0.07 13.71
N GLU A 150 -8.17 0.60 14.15
CA GLU A 150 -8.03 1.62 15.18
C GLU A 150 -7.27 1.20 16.44
N GLN A 151 -7.54 0.00 16.94
CA GLN A 151 -6.88 -0.42 18.16
C GLN A 151 -5.44 -0.83 17.96
N MET A 152 -4.99 -0.85 16.71
N MET A 152 -4.98 -0.88 16.70
CA MET A 152 -3.64 -1.28 16.43
CA MET A 152 -3.61 -1.30 16.45
C MET A 152 -2.71 -0.21 15.93
C MET A 152 -2.68 -0.19 15.98
N VAL A 153 -3.17 1.04 15.96
CA VAL A 153 -2.36 2.19 15.53
C VAL A 153 -2.33 3.25 16.62
N ASP A 154 -1.22 4.00 16.67
CA ASP A 154 -1.04 5.07 17.64
C ASP A 154 -1.58 6.38 17.10
N SER A 155 -2.76 6.77 17.58
N SER A 155 -2.76 6.77 17.58
CA SER A 155 -3.40 8.00 17.13
CA SER A 155 -3.39 8.00 17.11
C SER A 155 -2.62 9.25 17.50
C SER A 155 -2.62 9.25 17.49
N SER A 156 -1.65 9.12 18.40
CA SER A 156 -0.83 10.27 18.79
C SER A 156 0.35 10.44 17.84
N LYS A 157 0.52 9.50 16.91
CA LYS A 157 1.64 9.56 15.95
C LYS A 157 1.15 9.46 14.49
N PRO A 158 0.23 10.34 14.09
CA PRO A 158 -0.25 10.27 12.71
C PRO A 158 0.83 10.58 11.69
N GLU A 159 1.96 11.15 12.12
CA GLU A 159 3.05 11.47 11.20
C GLU A 159 4.05 10.33 10.97
N LEU A 160 4.00 9.29 11.79
CA LEU A 160 4.98 8.20 11.71
C LEU A 160 4.87 7.32 10.47
N LEU A 161 6.01 7.11 9.80
CA LEU A 161 6.08 6.29 8.58
C LEU A 161 7.07 5.14 8.78
N TYR A 162 6.96 4.14 7.91
CA TYR A 162 7.78 2.93 7.97
C TYR A 162 8.16 2.44 6.59
N ARG A 163 9.13 1.53 6.55
CA ARG A 163 9.44 0.83 5.33
C ARG A 163 8.76 -0.54 5.49
N THR A 164 8.32 -1.12 4.37
CA THR A 164 7.72 -2.46 4.39
C THR A 164 8.14 -3.23 3.13
N ASP A 165 8.38 -4.52 3.30
CA ASP A 165 8.71 -5.39 2.16
C ASP A 165 7.44 -5.92 1.50
N PHE A 166 6.31 -5.77 2.18
CA PHE A 166 5.03 -6.24 1.64
C PHE A 166 4.34 -5.12 0.84
N PHE A 167 4.31 -5.27 -0.49
CA PHE A 167 3.65 -4.29 -1.36
C PHE A 167 2.16 -4.25 -0.99
N PRO A 168 1.67 -3.10 -0.47
CA PRO A 168 0.26 -3.07 -0.08
C PRO A 168 -0.78 -2.68 -1.10
N GLY A 169 -0.35 -2.01 -2.18
CA GLY A 169 -1.27 -1.47 -3.17
C GLY A 169 -2.18 -0.48 -2.43
N LEU A 170 -3.46 -0.46 -2.76
CA LEU A 170 -4.47 0.35 -2.07
C LEU A 170 -4.09 1.82 -1.88
N GLY A 171 -3.80 2.47 -3.02
CA GLY A 171 -3.38 3.86 -3.05
C GLY A 171 -1.87 3.82 -3.06
N TRP A 172 -1.27 3.73 -4.25
CA TRP A 172 0.17 3.60 -4.30
C TRP A 172 0.80 4.36 -5.45
N LEU A 173 1.97 4.93 -5.15
CA LEU A 173 2.76 5.72 -6.09
C LEU A 173 3.89 4.87 -6.71
N LEU A 174 4.05 4.95 -8.04
CA LEU A 174 5.16 4.27 -8.71
C LEU A 174 5.74 5.25 -9.73
N LEU A 175 6.99 5.02 -10.09
CA LEU A 175 7.70 5.83 -11.07
C LEU A 175 7.53 5.23 -12.46
N ALA A 176 7.62 6.10 -13.47
CA ALA A 176 7.58 5.68 -14.86
C ALA A 176 8.67 4.63 -15.10
N GLU A 177 9.80 4.79 -14.41
CA GLU A 177 10.92 3.85 -14.54
C GLU A 177 10.51 2.44 -14.13
N LEU A 178 9.66 2.33 -13.10
CA LEU A 178 9.25 1.00 -12.68
C LEU A 178 8.30 0.42 -13.72
N TRP A 179 7.42 1.24 -14.29
CA TRP A 179 6.54 0.71 -15.33
C TRP A 179 7.36 0.17 -16.51
N ALA A 180 8.48 0.82 -16.82
CA ALA A 180 9.31 0.36 -17.94
C ALA A 180 9.84 -1.04 -17.68
N GLU A 181 10.05 -1.36 -16.41
CA GLU A 181 10.55 -2.67 -15.99
C GLU A 181 9.44 -3.73 -15.93
N LEU A 182 8.25 -3.32 -15.49
CA LEU A 182 7.16 -4.28 -15.33
C LEU A 182 6.33 -4.57 -16.59
N GLU A 183 6.11 -3.55 -17.40
CA GLU A 183 5.29 -3.70 -18.60
C GLU A 183 5.64 -4.88 -19.55
N PRO A 184 6.93 -5.09 -19.85
CA PRO A 184 7.29 -6.20 -20.75
C PRO A 184 6.93 -7.62 -20.27
N LYS A 185 6.72 -7.80 -18.97
CA LYS A 185 6.40 -9.11 -18.41
C LYS A 185 5.08 -9.08 -17.64
N TRP A 186 4.28 -8.04 -17.86
CA TRP A 186 3.00 -7.93 -17.12
C TRP A 186 2.22 -9.24 -17.25
N PRO A 187 1.69 -9.74 -16.12
CA PRO A 187 0.95 -11.01 -16.11
C PRO A 187 -0.47 -11.00 -16.67
N LYS A 188 -0.94 -12.20 -16.96
CA LYS A 188 -2.30 -12.37 -17.47
C LYS A 188 -3.35 -12.13 -16.39
N ALA A 189 -2.99 -12.42 -15.14
CA ALA A 189 -3.92 -12.28 -14.00
C ALA A 189 -3.21 -12.21 -12.66
N PHE A 190 -3.92 -11.71 -11.65
CA PHE A 190 -3.42 -11.61 -10.27
C PHE A 190 -2.17 -10.75 -10.22
N TRP A 191 -2.30 -9.54 -10.75
CA TRP A 191 -1.16 -8.64 -10.86
C TRP A 191 -0.50 -8.23 -9.56
N ASP A 192 -1.28 -8.06 -8.49
CA ASP A 192 -0.69 -7.62 -7.24
C ASP A 192 0.09 -8.72 -6.54
N ASP A 193 -0.41 -9.95 -6.57
CA ASP A 193 0.37 -11.02 -5.97
C ASP A 193 1.61 -11.30 -6.84
N TRP A 194 1.51 -11.03 -8.14
CA TRP A 194 2.64 -11.20 -9.04
C TRP A 194 3.73 -10.18 -8.68
N MET A 195 3.33 -8.95 -8.37
CA MET A 195 4.33 -7.95 -7.97
C MET A 195 5.01 -8.35 -6.67
N ARG A 196 4.29 -9.08 -5.82
CA ARG A 196 4.83 -9.50 -4.52
C ARG A 196 5.85 -10.62 -4.60
N ARG A 197 5.97 -11.24 -5.77
CA ARG A 197 6.95 -12.32 -5.98
C ARG A 197 8.35 -11.72 -6.04
N PRO A 198 9.36 -12.47 -5.56
CA PRO A 198 10.73 -11.97 -5.57
C PRO A 198 11.28 -11.61 -6.94
N GLU A 199 10.82 -12.33 -7.98
CA GLU A 199 11.28 -12.07 -9.33
C GLU A 199 10.86 -10.67 -9.79
N GLN A 200 9.80 -10.12 -9.18
CA GLN A 200 9.39 -8.76 -9.50
C GLN A 200 9.91 -7.76 -8.47
N ARG A 201 9.71 -8.05 -7.19
CA ARG A 201 10.12 -7.13 -6.14
C ARG A 201 11.63 -6.86 -6.03
N LYS A 202 12.44 -7.90 -6.23
CA LYS A 202 13.89 -7.78 -6.18
C LYS A 202 14.38 -7.09 -4.90
N GLY A 203 13.75 -7.48 -3.79
CA GLY A 203 14.14 -6.99 -2.47
C GLY A 203 13.78 -5.56 -2.15
N ARG A 204 13.00 -4.93 -3.02
CA ARG A 204 12.64 -3.53 -2.79
C ARG A 204 11.48 -3.32 -1.84
N ALA A 205 11.50 -2.18 -1.17
CA ALA A 205 10.48 -1.87 -0.18
C ALA A 205 9.58 -0.73 -0.59
N CYS A 206 8.51 -0.54 0.17
CA CYS A 206 7.61 0.59 -0.04
C CYS A 206 7.56 1.35 1.29
N VAL A 207 7.21 2.63 1.21
CA VAL A 207 6.98 3.40 2.42
C VAL A 207 5.48 3.18 2.75
N ARG A 208 5.14 3.02 4.03
CA ARG A 208 3.75 2.89 4.42
C ARG A 208 3.58 3.65 5.75
N PRO A 209 2.36 4.10 6.06
CA PRO A 209 2.15 4.86 7.29
C PRO A 209 1.64 4.10 8.49
N GLU A 210 1.82 4.74 9.64
CA GLU A 210 1.26 4.22 10.87
C GLU A 210 -0.27 4.23 10.75
N ILE A 211 -0.84 5.31 10.20
CA ILE A 211 -2.29 5.43 10.06
C ILE A 211 -2.58 5.57 8.56
N SER A 212 -3.41 4.67 8.04
N SER A 212 -3.45 4.69 8.07
CA SER A 212 -3.69 4.69 6.62
CA SER A 212 -3.79 4.64 6.65
C SER A 212 -4.23 5.99 6.06
C SER A 212 -4.33 5.95 6.03
N ARG A 213 -3.86 6.26 4.81
CA ARG A 213 -4.32 7.46 4.10
C ARG A 213 -5.44 7.15 3.09
N THR A 214 -5.85 5.88 3.06
CA THR A 214 -6.99 5.44 2.25
C THR A 214 -7.78 4.44 3.11
N MET A 215 -9.05 4.26 2.75
CA MET A 215 -9.92 3.31 3.43
C MET A 215 -10.84 2.77 2.34
N THR A 216 -11.24 1.51 2.44
CA THR A 216 -12.13 0.95 1.43
C THR A 216 -13.57 1.18 1.87
N PHE A 217 -14.47 1.21 0.90
CA PHE A 217 -15.89 1.37 1.22
C PHE A 217 -16.71 0.54 0.24
N GLY A 218 -17.97 0.30 0.61
CA GLY A 218 -18.86 -0.48 -0.24
C GLY A 218 -18.62 -1.97 -0.14
N LEU A 232 -10.49 -5.79 5.23
CA LEU A 232 -10.02 -4.47 4.79
C LEU A 232 -10.90 -3.36 5.34
N LYS A 233 -12.18 -3.66 5.53
CA LYS A 233 -13.14 -2.66 6.00
C LYS A 233 -12.81 -2.07 7.36
N PHE A 234 -11.99 -2.75 8.16
CA PHE A 234 -11.70 -2.23 9.48
C PHE A 234 -10.50 -1.29 9.58
N ILE A 235 -9.83 -1.03 8.47
CA ILE A 235 -8.68 -0.13 8.52
C ILE A 235 -9.20 1.28 8.77
N LYS A 236 -8.58 1.97 9.71
CA LYS A 236 -8.97 3.32 10.10
C LYS A 236 -8.37 4.39 9.18
N LEU A 237 -9.20 5.33 8.71
CA LEU A 237 -8.70 6.40 7.85
C LEU A 237 -8.16 7.55 8.71
N ASN A 238 -6.94 8.01 8.44
CA ASN A 238 -6.42 9.15 9.18
C ASN A 238 -7.30 10.39 8.98
N GLN A 239 -7.56 11.13 10.05
CA GLN A 239 -8.35 12.33 9.87
C GLN A 239 -7.63 13.58 10.38
N GLN A 240 -6.43 13.42 10.92
CA GLN A 240 -5.66 14.57 11.41
C GLN A 240 -4.61 14.94 10.37
N PHE A 241 -4.78 16.10 9.73
CA PHE A 241 -3.85 16.52 8.69
C PHE A 241 -2.43 16.67 9.22
N VAL A 242 -1.49 15.97 8.58
CA VAL A 242 -0.07 16.04 8.90
C VAL A 242 0.67 16.74 7.75
N PRO A 243 1.45 17.80 8.05
CA PRO A 243 2.19 18.54 7.02
C PRO A 243 3.50 17.84 6.66
N PHE A 244 3.38 16.68 6.02
CA PHE A 244 4.55 15.89 5.66
C PHE A 244 5.62 16.65 4.91
N THR A 245 5.24 17.62 4.08
CA THR A 245 6.26 18.35 3.32
C THR A 245 7.11 19.26 4.17
N GLN A 246 6.71 19.47 5.44
CA GLN A 246 7.44 20.31 6.38
C GLN A 246 8.28 19.46 7.34
N LEU A 247 8.22 18.14 7.22
CA LEU A 247 8.94 17.26 8.14
C LEU A 247 10.21 16.71 7.53
N ASP A 248 11.13 16.25 8.39
CA ASP A 248 12.38 15.67 7.94
C ASP A 248 12.16 14.15 7.83
N LEU A 249 12.06 13.66 6.60
CA LEU A 249 11.80 12.24 6.36
C LEU A 249 13.07 11.46 6.04
N SER A 250 14.22 12.04 6.36
CA SER A 250 15.50 11.37 6.06
C SER A 250 15.64 10.04 6.79
N TYR A 251 14.88 9.88 7.87
CA TYR A 251 14.96 8.62 8.63
C TYR A 251 14.50 7.41 7.79
N LEU A 252 13.78 7.66 6.69
CA LEU A 252 13.32 6.58 5.82
C LEU A 252 14.36 6.09 4.81
N GLN A 253 15.47 6.82 4.66
CA GLN A 253 16.54 6.39 3.75
C GLN A 253 17.02 5.01 4.24
N GLN A 254 17.29 4.09 3.33
CA GLN A 254 17.66 2.73 3.73
C GLN A 254 18.80 2.62 4.75
N GLU A 255 19.89 3.33 4.53
CA GLU A 255 21.04 3.24 5.44
C GLU A 255 20.64 3.65 6.88
N ALA A 256 19.93 4.76 7.03
CA ALA A 256 19.51 5.21 8.36
C ALA A 256 18.46 4.26 8.97
N TYR A 257 17.47 3.89 8.17
CA TYR A 257 16.40 3.03 8.66
C TYR A 257 16.89 1.66 9.11
N ASP A 258 17.69 1.02 8.28
CA ASP A 258 18.18 -0.32 8.61
C ASP A 258 19.12 -0.35 9.80
N ARG A 259 19.71 0.78 10.13
CA ARG A 259 20.55 0.84 11.32
C ARG A 259 19.67 1.16 12.54
N ASP A 260 18.99 2.30 12.48
CA ASP A 260 18.20 2.76 13.59
C ASP A 260 16.92 1.98 13.93
N PHE A 261 16.12 1.64 12.92
CA PHE A 261 14.92 0.90 13.26
C PHE A 261 15.27 -0.50 13.75
N LEU A 262 16.25 -1.15 13.12
CA LEU A 262 16.64 -2.49 13.57
C LEU A 262 17.24 -2.49 14.97
N ALA A 263 18.04 -1.46 15.28
CA ALA A 263 18.64 -1.38 16.60
C ALA A 263 17.54 -1.18 17.63
N ARG A 264 16.49 -0.46 17.24
CA ARG A 264 15.35 -0.22 18.11
C ARG A 264 14.61 -1.52 18.38
N VAL A 265 14.33 -2.28 17.32
CA VAL A 265 13.61 -3.54 17.48
C VAL A 265 14.37 -4.55 18.33
N TYR A 266 15.66 -4.73 18.03
CA TYR A 266 16.42 -5.73 18.76
C TYR A 266 16.97 -5.24 20.09
N GLY A 267 16.87 -3.93 20.32
CA GLY A 267 17.29 -3.37 21.59
C GLY A 267 16.11 -3.42 22.57
N ALA A 268 14.90 -3.64 22.06
CA ALA A 268 13.72 -3.72 22.91
C ALA A 268 13.68 -5.02 23.72
N PRO A 269 13.13 -4.97 24.93
CA PRO A 269 13.08 -6.22 25.70
C PRO A 269 12.15 -7.23 25.05
N GLN A 270 12.52 -8.50 25.16
CA GLN A 270 11.74 -9.59 24.61
C GLN A 270 10.71 -10.05 25.65
N LEU A 271 9.48 -10.33 25.19
CA LEU A 271 8.42 -10.83 26.06
C LEU A 271 7.76 -12.03 25.37
N GLN A 272 7.37 -13.02 26.16
CA GLN A 272 6.67 -14.17 25.60
C GLN A 272 5.33 -13.66 25.13
N VAL A 273 4.80 -14.23 24.06
CA VAL A 273 3.53 -13.77 23.51
C VAL A 273 2.37 -13.77 24.49
N GLU A 274 2.31 -14.77 25.37
CA GLU A 274 1.21 -14.83 26.35
C GLU A 274 1.25 -13.64 27.33
N LYS A 275 2.44 -13.14 27.63
CA LYS A 275 2.56 -12.00 28.52
C LYS A 275 2.10 -10.73 27.82
N VAL A 276 2.36 -10.62 26.52
CA VAL A 276 1.89 -9.46 25.78
C VAL A 276 0.36 -9.52 25.68
N ARG A 277 -0.15 -10.70 25.36
CA ARG A 277 -1.59 -10.88 25.21
C ARG A 277 -2.35 -10.44 26.47
N THR A 278 -1.85 -10.84 27.64
CA THR A 278 -2.51 -10.51 28.90
C THR A 278 -2.10 -9.19 29.54
N ASN A 279 -1.33 -8.39 28.82
CA ASN A 279 -0.89 -7.08 29.31
C ASN A 279 -0.04 -7.09 30.57
N ASP A 280 0.93 -8.00 30.63
CA ASP A 280 1.84 -8.09 31.76
C ASP A 280 2.99 -7.14 31.53
N ARG A 281 3.67 -6.74 32.61
CA ARG A 281 4.80 -5.83 32.50
C ARG A 281 4.46 -4.59 31.69
N LYS A 282 3.40 -3.87 32.08
CA LYS A 282 3.00 -2.67 31.34
C LYS A 282 3.99 -1.50 31.34
N GLU A 283 4.96 -1.52 32.24
CA GLU A 283 5.97 -0.47 32.30
C GLU A 283 6.81 -0.49 31.01
N LEU A 284 6.80 -1.61 30.30
CA LEU A 284 7.56 -1.73 29.04
C LEU A 284 6.65 -1.31 27.88
N GLY A 285 6.81 -0.07 27.45
CA GLY A 285 5.98 0.46 26.37
C GLY A 285 6.33 0.00 24.97
N GLU A 286 7.45 -0.71 24.80
CA GLU A 286 7.85 -1.18 23.49
C GLU A 286 8.55 -2.49 23.74
N VAL A 287 8.04 -3.55 23.13
CA VAL A 287 8.61 -4.88 23.31
C VAL A 287 8.71 -5.66 22.02
N ARG A 288 9.43 -6.76 22.09
CA ARG A 288 9.63 -7.63 20.96
C ARG A 288 9.11 -9.02 21.29
N VAL A 289 8.36 -9.62 20.38
CA VAL A 289 7.87 -10.99 20.54
C VAL A 289 8.62 -11.70 19.42
N GLN A 290 9.44 -12.68 19.77
CA GLN A 290 10.22 -13.38 18.76
C GLN A 290 9.58 -14.67 18.28
N TYR A 291 9.58 -14.86 16.96
CA TYR A 291 9.07 -16.09 16.39
C TYR A 291 10.28 -16.78 15.75
N THR A 292 10.24 -18.10 15.63
CA THR A 292 11.37 -18.85 15.10
C THR A 292 11.11 -19.71 13.88
N GLY A 293 9.86 -19.86 13.52
CA GLY A 293 9.53 -20.69 12.36
C GLY A 293 8.19 -20.25 11.84
N ARG A 294 7.75 -20.85 10.75
CA ARG A 294 6.48 -20.49 10.14
C ARG A 294 5.31 -20.74 11.10
N ASP A 295 5.34 -21.85 11.83
CA ASP A 295 4.25 -22.18 12.75
C ASP A 295 4.13 -21.19 13.90
N SER A 296 5.27 -20.77 14.46
CA SER A 296 5.23 -19.82 15.55
C SER A 296 4.82 -18.43 15.03
N PHE A 297 5.24 -18.09 13.82
CA PHE A 297 4.81 -16.79 13.30
C PHE A 297 3.29 -16.74 13.20
N LYS A 298 2.73 -17.78 12.60
N LYS A 298 2.70 -17.76 12.58
CA LYS A 298 1.29 -17.89 12.43
CA LYS A 298 1.24 -17.78 12.44
C LYS A 298 0.56 -17.82 13.76
C LYS A 298 0.53 -17.82 13.78
N ALA A 299 1.01 -18.63 14.71
CA ALA A 299 0.39 -18.71 16.02
C ALA A 299 0.45 -17.39 16.80
N PHE A 300 1.62 -16.75 16.79
CA PHE A 300 1.79 -15.51 17.53
C PHE A 300 1.02 -14.38 16.87
N ALA A 301 1.04 -14.31 15.54
CA ALA A 301 0.29 -13.28 14.84
C ALA A 301 -1.20 -13.42 15.19
N LYS A 302 -1.72 -14.63 15.13
CA LYS A 302 -3.12 -14.87 15.47
C LYS A 302 -3.44 -14.47 16.92
N ALA A 303 -2.58 -14.87 17.86
CA ALA A 303 -2.80 -14.52 19.27
C ALA A 303 -2.88 -13.03 19.50
N LEU A 304 -2.15 -12.25 18.71
CA LEU A 304 -2.15 -10.81 18.90
C LEU A 304 -3.06 -10.04 17.93
N GLY A 305 -3.83 -10.76 17.12
CA GLY A 305 -4.76 -10.12 16.20
C GLY A 305 -4.17 -9.42 14.98
N VAL A 306 -2.98 -9.86 14.57
CA VAL A 306 -2.24 -9.33 13.42
C VAL A 306 -2.53 -10.22 12.20
N MET A 307 -2.52 -9.66 11.00
N MET A 307 -2.48 -9.65 11.00
CA MET A 307 -2.77 -10.49 9.81
CA MET A 307 -2.69 -10.44 9.77
C MET A 307 -1.73 -11.60 9.78
C MET A 307 -1.60 -11.51 9.70
N ASP A 308 -2.18 -12.82 9.52
N ASP A 308 -1.97 -12.78 9.53
CA ASP A 308 -1.27 -13.95 9.53
CA ASP A 308 -0.99 -13.85 9.49
C ASP A 308 -0.99 -14.62 8.21
C ASP A 308 -0.69 -14.45 8.13
N ASP A 309 -1.40 -14.01 7.10
CA ASP A 309 -1.14 -14.62 5.80
C ASP A 309 0.15 -14.08 5.21
N LEU A 310 0.78 -14.88 4.36
CA LEU A 310 2.05 -14.51 3.78
C LEU A 310 2.02 -14.61 2.26
N LYS A 311 2.66 -13.67 1.58
CA LYS A 311 2.71 -13.70 0.12
C LYS A 311 4.19 -13.81 -0.19
N SER A 312 4.55 -14.88 -0.89
CA SER A 312 5.94 -15.19 -1.21
C SER A 312 6.81 -15.15 0.05
N GLY A 313 6.24 -15.62 1.16
CA GLY A 313 6.96 -15.67 2.41
C GLY A 313 7.04 -14.38 3.20
N VAL A 314 6.43 -13.31 2.69
CA VAL A 314 6.50 -12.00 3.36
C VAL A 314 5.21 -11.73 4.14
N PRO A 315 5.34 -11.38 5.43
CA PRO A 315 4.12 -11.09 6.20
C PRO A 315 3.61 -9.69 5.88
N ARG A 316 2.31 -9.48 6.11
CA ARG A 316 1.67 -8.20 5.88
C ARG A 316 2.40 -7.14 6.71
N ALA A 317 2.73 -6.03 6.05
CA ALA A 317 3.48 -4.92 6.64
C ALA A 317 4.84 -5.33 7.20
N GLY A 318 5.34 -6.50 6.81
CA GLY A 318 6.61 -6.94 7.34
C GLY A 318 7.81 -6.22 6.77
N TYR A 319 8.86 -6.04 7.58
CA TYR A 319 10.11 -5.45 7.10
C TYR A 319 11.24 -6.26 7.75
N ARG A 320 12.07 -6.92 6.94
CA ARG A 320 13.11 -7.83 7.45
C ARG A 320 12.43 -8.82 8.41
N GLY A 321 11.23 -9.26 8.03
CA GLY A 321 10.43 -10.19 8.81
C GLY A 321 9.71 -9.63 10.03
N ILE A 322 9.89 -8.34 10.30
CA ILE A 322 9.32 -7.71 11.48
C ILE A 322 8.00 -7.03 11.21
N VAL A 323 6.98 -7.40 11.98
CA VAL A 323 5.66 -6.77 11.87
C VAL A 323 5.50 -5.90 13.11
N THR A 324 5.27 -4.60 12.89
CA THR A 324 5.18 -3.62 13.99
C THR A 324 3.76 -3.07 14.11
N PHE A 325 3.25 -2.99 15.34
CA PHE A 325 1.88 -2.57 15.55
C PHE A 325 1.68 -2.21 17.01
N LEU A 326 0.49 -1.70 17.33
CA LEU A 326 0.17 -1.39 18.71
C LEU A 326 -0.76 -2.50 19.22
N PHE A 327 -0.59 -2.87 20.47
CA PHE A 327 -1.45 -3.89 21.06
C PHE A 327 -1.73 -3.40 22.46
N ARG A 328 -3.01 -3.12 22.73
CA ARG A 328 -3.42 -2.62 24.05
C ARG A 328 -2.55 -1.43 24.48
N GLY A 329 -2.29 -0.53 23.54
CA GLY A 329 -1.51 0.67 23.81
C GLY A 329 0.00 0.55 23.83
N ARG A 330 0.50 -0.67 23.69
CA ARG A 330 1.92 -0.96 23.72
C ARG A 330 2.47 -1.20 22.31
N ARG A 331 3.68 -0.71 22.06
CA ARG A 331 4.31 -0.92 20.74
C ARG A 331 4.90 -2.33 20.74
N VAL A 332 4.55 -3.13 19.75
CA VAL A 332 5.05 -4.51 19.67
C VAL A 332 5.70 -4.76 18.31
N HIS A 333 6.84 -5.44 18.34
CA HIS A 333 7.54 -5.85 17.12
C HIS A 333 7.53 -7.39 17.12
N LEU A 334 6.76 -8.00 16.22
CA LEU A 334 6.74 -9.46 16.08
C LEU A 334 7.90 -9.71 15.12
N ALA A 335 8.98 -10.29 15.64
CA ALA A 335 10.22 -10.40 14.91
C ALA A 335 10.94 -11.72 14.91
N PRO A 336 11.73 -11.97 13.86
CA PRO A 336 12.50 -13.22 13.77
C PRO A 336 13.80 -12.92 14.53
N PRO A 337 14.67 -13.92 14.66
CA PRO A 337 15.94 -13.68 15.34
C PRO A 337 16.69 -12.69 14.44
N GLN A 338 17.62 -11.90 15.00
CA GLN A 338 18.34 -10.92 14.19
C GLN A 338 19.25 -11.54 13.13
N THR A 339 19.38 -12.86 13.14
CA THR A 339 20.18 -13.54 12.14
C THR A 339 19.39 -13.66 10.84
N TRP A 340 18.17 -13.12 10.82
CA TRP A 340 17.32 -13.15 9.62
C TRP A 340 18.12 -12.70 8.40
N ASP A 341 17.95 -13.40 7.28
CA ASP A 341 18.67 -13.08 6.06
C ASP A 341 17.90 -13.48 4.80
N GLY A 342 16.72 -12.90 4.64
CA GLY A 342 15.92 -13.17 3.47
C GLY A 342 14.65 -13.94 3.74
N TYR A 343 13.68 -13.78 2.84
CA TYR A 343 12.41 -14.46 2.94
C TYR A 343 12.42 -15.82 2.23
N ASP A 344 11.66 -16.74 2.79
CA ASP A 344 11.52 -18.10 2.24
C ASP A 344 10.09 -18.18 1.70
N PRO A 345 9.91 -18.26 0.36
CA PRO A 345 8.56 -18.33 -0.22
C PRO A 345 7.75 -19.55 0.20
N SER A 346 8.42 -20.56 0.76
CA SER A 346 7.71 -21.74 1.20
C SER A 346 6.93 -21.52 2.50
N TRP A 347 7.08 -20.35 3.12
CA TRP A 347 6.28 -20.04 4.30
C TRP A 347 4.95 -19.59 3.72
N THR A 348 4.02 -20.53 3.64
CA THR A 348 2.71 -20.27 3.05
C THR A 348 1.58 -20.28 4.06
#